data_3KPQ
#
_entry.id   3KPQ
#
_cell.length_a   50.247
_cell.length_b   81.910
_cell.length_c   109.401
_cell.angle_alpha   90.000
_cell.angle_beta   90.000
_cell.angle_gamma   90.000
#
_symmetry.space_group_name_H-M   'P 21 21 21'
#
loop_
_entity.id
_entity.type
_entity.pdbx_description
1 polymer 'HLA class I histocompatibility antigen, B-44 alpha chain'
2 polymer Beta-2-microglobulin
3 polymer 'EEYLKAWTF, mimotope peptide'
4 water water
#
loop_
_entity_poly.entity_id
_entity_poly.type
_entity_poly.pdbx_seq_one_letter_code
_entity_poly.pdbx_strand_id
1 'polypeptide(L)'
;GSHSMRYFYTAMSRPGRGEPRFITVGYVDDTLFVRFDSDATSPRKEPRAPWIEQEGPEYWDRETQISKTNTQTYRENLRT
ALRYYNQSEAGSHIIQRMYGCDVGPDGRLLRGYDQYAYDGKDYIALNEDLSSWTAADTAAQITQRKWEAARVAEQDRAYL
EGLCVESLRRYLENGKETLQRADPPKTHVTHHPISDHEVTLRCWALGFYPAEITLTWQRDGEDQTQDTELVETRPAGDRT
FQKWAAVVVPSGEEQRYTCHVQHEGLPKPLTLRWEP
;
A
2 'polypeptide(L)'
;IQRTPKIQVYSRHPAENGKSNFLNCYVSGFHPSDIEVDLLKNGERIEKVEHSDLSFSKDWSFYLLYYTEFTPTEKDEYAC
RVNHVTLSQPKIVKWDRDM
;
B
3 'polypeptide(L)' EEYLKAWTF C
#
# COMPACT_ATOMS: atom_id res chain seq x y z
N GLY A 1 -9.11 -17.14 8.06
CA GLY A 1 -7.96 -17.45 7.13
C GLY A 1 -6.63 -17.09 7.77
N SER A 2 -5.62 -16.84 6.93
CA SER A 2 -4.29 -16.42 7.39
C SER A 2 -4.25 -14.91 7.53
N HIS A 3 -3.29 -14.42 8.32
CA HIS A 3 -3.19 -13.00 8.60
C HIS A 3 -1.74 -12.56 8.71
N SER A 4 -1.53 -11.27 8.47
CA SER A 4 -0.23 -10.65 8.63
C SER A 4 -0.32 -9.38 9.47
N MET A 5 0.78 -9.05 10.12
CA MET A 5 0.99 -7.75 10.70
C MET A 5 2.33 -7.26 10.17
N ARG A 6 2.34 -6.00 9.71
CA ARG A 6 3.55 -5.37 9.18
C ARG A 6 3.65 -3.95 9.66
N TYR A 7 4.88 -3.54 9.94
CA TYR A 7 5.18 -2.14 10.14
C TYR A 7 6.07 -1.70 8.97
N PHE A 8 5.73 -0.55 8.39
CA PHE A 8 6.46 0.07 7.31
C PHE A 8 7.06 1.38 7.78
N TYR A 9 8.38 1.49 7.66
CA TYR A 9 9.11 2.70 8.03
C TYR A 9 9.55 3.38 6.78
N THR A 10 9.46 4.71 6.78
CA THR A 10 10.05 5.52 5.71
C THR A 10 10.86 6.66 6.36
N ALA A 11 12.15 6.73 6.03
CA ALA A 11 13.03 7.81 6.51
C ALA A 11 13.59 8.58 5.31
N MET A 12 13.26 9.86 5.24
CA MET A 12 13.50 10.63 4.04
C MET A 12 14.32 11.90 4.35
N SER A 13 15.58 11.92 3.89
CA SER A 13 16.40 13.13 4.02
C SER A 13 15.95 14.22 3.06
N ARG A 14 16.28 15.46 3.41
CA ARG A 14 15.86 16.65 2.65
C ARG A 14 16.79 17.78 3.00
N PRO A 15 18.07 17.70 2.56
CA PRO A 15 19.05 18.73 2.88
C PRO A 15 18.51 20.13 2.62
N GLY A 16 18.73 21.03 3.57
CA GLY A 16 18.31 22.43 3.45
C GLY A 16 16.90 22.66 3.92
N ARG A 17 16.24 21.57 4.32
CA ARG A 17 14.83 21.64 4.69
C ARG A 17 14.61 20.92 6.01
N GLY A 18 15.58 21.06 6.91
CA GLY A 18 15.50 20.41 8.22
C GLY A 18 15.94 18.96 8.22
N GLU A 19 15.55 18.25 9.28
CA GLU A 19 15.99 16.88 9.51
C GLU A 19 15.12 15.87 8.78
N PRO A 20 15.68 14.67 8.49
CA PRO A 20 14.93 13.67 7.73
C PRO A 20 13.60 13.32 8.38
N ARG A 21 12.54 13.33 7.59
CA ARG A 21 11.21 12.93 8.05
C ARG A 21 11.17 11.41 8.24
N PHE A 22 10.63 10.97 9.38
CA PHE A 22 10.47 9.55 9.69
C PHE A 22 8.99 9.24 9.89
N ILE A 23 8.46 8.34 9.06
CA ILE A 23 7.08 7.90 9.16
C ILE A 23 7.02 6.39 9.51
N THR A 24 6.03 6.00 10.29
CA THR A 24 5.73 4.59 10.51
C THR A 24 4.23 4.41 10.31
N VAL A 25 3.87 3.34 9.60
CA VAL A 25 2.50 2.88 9.54
C VAL A 25 2.47 1.37 9.86
N GLY A 26 1.48 0.96 10.63
CA GLY A 26 1.27 -0.44 10.94
C GLY A 26 -0.04 -0.93 10.35
N TYR A 27 0.00 -2.17 9.86
CA TYR A 27 -1.14 -2.82 9.19
C TYR A 27 -1.40 -4.20 9.80
N VAL A 28 -2.67 -4.53 9.96
CA VAL A 28 -3.04 -5.94 10.03
C VAL A 28 -3.75 -6.24 8.72
N ASP A 29 -3.19 -7.19 7.96
CA ASP A 29 -3.66 -7.45 6.59
C ASP A 29 -3.69 -6.13 5.82
N ASP A 30 -4.85 -5.72 5.29
CA ASP A 30 -4.90 -4.44 4.55
C ASP A 30 -5.56 -3.31 5.32
N THR A 31 -5.53 -3.44 6.64
CA THR A 31 -6.14 -2.47 7.52
C THR A 31 -5.03 -1.72 8.23
N LEU A 32 -4.95 -0.42 7.99
CA LEU A 32 -4.01 0.40 8.73
C LEU A 32 -4.56 0.62 10.15
N PHE A 33 -3.73 0.37 11.16
CA PHE A 33 -4.19 0.53 12.54
C PHE A 33 -3.43 1.57 13.37
N VAL A 34 -2.23 1.90 12.92
CA VAL A 34 -1.37 2.82 13.67
C VAL A 34 -0.48 3.61 12.72
N ARG A 35 -0.18 4.85 13.11
CA ARG A 35 0.67 5.72 12.32
C ARG A 35 1.52 6.60 13.26
N PHE A 36 2.68 7.02 12.78
CA PHE A 36 3.53 7.99 13.44
C PHE A 36 4.21 8.81 12.37
N ASP A 37 4.29 10.12 12.58
CA ASP A 37 4.94 11.03 11.64
C ASP A 37 5.70 12.06 12.45
N SER A 38 7.02 12.14 12.24
CA SER A 38 7.89 13.09 12.96
C SER A 38 7.58 14.55 12.58
N ASP A 39 6.96 14.72 11.41
CA ASP A 39 6.46 16.04 10.98
C ASP A 39 5.13 16.45 11.60
N ALA A 40 4.49 15.56 12.35
CA ALA A 40 3.24 15.89 13.02
C ALA A 40 3.45 16.94 14.11
N THR A 41 2.43 17.76 14.37
CA THR A 41 2.56 18.85 15.33
C THR A 41 3.10 18.34 16.66
N SER A 42 2.53 17.22 17.13
CA SER A 42 3.06 16.53 18.31
C SER A 42 3.26 15.03 18.02
N PRO A 43 4.44 14.67 17.51
CA PRO A 43 4.66 13.30 17.06
C PRO A 43 4.28 12.27 18.11
N ARG A 44 3.39 11.37 17.72
CA ARG A 44 3.09 10.23 18.55
C ARG A 44 2.43 9.14 17.75
N LYS A 45 2.51 7.92 18.27
CA LYS A 45 1.73 6.82 17.71
C LYS A 45 0.26 7.16 17.83
N GLU A 46 -0.44 7.12 16.71
CA GLU A 46 -1.86 7.45 16.70
C GLU A 46 -2.69 6.27 16.22
N PRO A 47 -3.82 6.01 16.91
CA PRO A 47 -4.72 4.91 16.48
C PRO A 47 -5.43 5.24 15.16
N ARG A 48 -5.57 4.25 14.29
CA ARG A 48 -6.23 4.43 12.99
C ARG A 48 -7.33 3.39 12.72
N ALA A 49 -7.61 2.57 13.73
CA ALA A 49 -8.68 1.57 13.68
C ALA A 49 -9.35 1.50 15.06
N PRO A 50 -10.69 1.29 15.12
CA PRO A 50 -11.35 1.27 16.45
C PRO A 50 -10.77 0.27 17.45
N TRP A 51 -10.42 -0.92 16.97
CA TRP A 51 -10.04 -2.01 17.85
C TRP A 51 -8.69 -1.82 18.55
N ILE A 52 -7.84 -0.93 18.06
CA ILE A 52 -6.55 -0.64 18.72
C ILE A 52 -6.70 0.39 19.84
N GLU A 53 -7.80 1.15 19.79
CA GLU A 53 -8.09 2.17 20.80
C GLU A 53 -8.28 1.55 22.18
N GLN A 54 -8.45 0.22 22.19
CA GLN A 54 -8.58 -0.59 23.40
C GLN A 54 -7.30 -0.61 24.25
N GLU A 55 -6.14 -0.61 23.59
CA GLU A 55 -4.85 -0.71 24.28
C GLU A 55 -4.69 0.44 25.28
N GLY A 56 -4.12 0.15 26.44
CA GLY A 56 -4.01 1.15 27.50
C GLY A 56 -3.01 2.27 27.22
N PRO A 57 -2.92 3.24 28.15
CA PRO A 57 -2.00 4.40 28.06
C PRO A 57 -0.54 3.96 27.96
N GLU A 58 -0.22 2.89 28.67
N GLU A 58 -0.21 2.88 28.66
CA GLU A 58 1.13 2.33 28.70
CA GLU A 58 1.16 2.35 28.69
C GLU A 58 1.57 1.81 27.32
C GLU A 58 1.58 1.82 27.30
N TYR A 59 0.63 1.22 26.58
CA TYR A 59 0.85 0.79 25.20
C TYR A 59 1.20 1.99 24.33
N TRP A 60 0.39 3.03 24.40
CA TRP A 60 0.63 4.25 23.60
C TRP A 60 1.92 5.00 23.97
N ASP A 61 2.26 5.02 25.25
CA ASP A 61 3.53 5.57 25.69
C ASP A 61 4.74 4.81 25.11
N ARG A 62 4.74 3.50 25.30
N ARG A 62 4.77 3.49 25.32
CA ARG A 62 5.80 2.62 24.82
CA ARG A 62 5.84 2.63 24.80
C ARG A 62 5.94 2.67 23.28
C ARG A 62 5.95 2.73 23.27
N GLU A 63 4.82 2.63 22.58
CA GLU A 63 4.79 2.67 21.12
C GLU A 63 5.31 4.00 20.60
N THR A 64 4.91 5.09 21.24
CA THR A 64 5.42 6.41 20.89
C THR A 64 6.92 6.57 21.11
N GLN A 65 7.43 6.02 22.22
CA GLN A 65 8.86 6.08 22.52
C GLN A 65 9.69 5.34 21.45
N ILE A 66 9.21 4.17 21.03
CA ILE A 66 9.86 3.40 19.95
C ILE A 66 10.04 4.28 18.71
N SER A 67 8.96 4.89 18.28
CA SER A 67 8.95 5.70 17.06
C SER A 67 9.80 6.95 17.21
N LYS A 68 9.73 7.60 18.37
CA LYS A 68 10.57 8.76 18.67
C LYS A 68 12.07 8.43 18.65
N THR A 69 12.43 7.31 19.30
CA THR A 69 13.79 6.76 19.21
C THR A 69 14.18 6.42 17.77
N ASN A 70 13.25 5.82 17.03
CA ASN A 70 13.46 5.48 15.62
C ASN A 70 13.76 6.67 14.73
N THR A 71 13.07 7.78 14.96
CA THR A 71 13.32 9.03 14.23
C THR A 71 14.81 9.36 14.29
N GLN A 72 15.40 9.27 15.48
CA GLN A 72 16.83 9.53 15.67
C GLN A 72 17.71 8.44 15.09
N THR A 73 17.35 7.18 15.34
CA THR A 73 18.10 6.06 14.82
C THR A 73 18.21 6.14 13.30
N TYR A 74 17.08 6.41 12.65
CA TYR A 74 17.00 6.41 11.19
C TYR A 74 17.69 7.59 10.54
N ARG A 75 17.81 8.68 11.30
CA ARG A 75 18.65 9.80 10.89
C ARG A 75 20.15 9.42 10.86
N GLU A 76 20.57 8.66 11.87
N GLU A 76 20.58 8.66 11.88
CA GLU A 76 21.93 8.09 11.90
CA GLU A 76 21.94 8.09 11.88
C GLU A 76 22.16 7.11 10.76
C GLU A 76 22.15 7.14 10.71
N ASN A 77 21.17 6.27 10.46
CA ASN A 77 21.24 5.30 9.34
C ASN A 77 21.45 6.00 8.02
N LEU A 78 20.70 7.09 7.82
CA LEU A 78 20.82 7.93 6.62
C LEU A 78 22.22 8.54 6.46
N ARG A 79 22.78 9.07 7.55
CA ARG A 79 24.15 9.55 7.52
C ARG A 79 25.14 8.44 7.14
N THR A 80 24.98 7.29 7.76
CA THR A 80 25.82 6.11 7.50
C THR A 80 25.69 5.62 6.04
N ALA A 81 24.46 5.53 5.55
CA ALA A 81 24.22 5.12 4.15
C ALA A 81 24.96 6.04 3.16
N LEU A 82 24.93 7.34 3.44
CA LEU A 82 25.67 8.31 2.63
C LEU A 82 27.16 7.95 2.56
N ARG A 83 27.74 7.63 3.71
CA ARG A 83 29.15 7.22 3.76
C ARG A 83 29.40 5.93 2.99
N TYR A 84 28.55 4.93 3.22
CA TYR A 84 28.70 3.62 2.59
C TYR A 84 28.62 3.67 1.06
N TYR A 85 27.91 4.66 0.51
CA TYR A 85 27.80 4.81 -0.95
C TYR A 85 28.55 6.01 -1.53
N ASN A 86 29.40 6.63 -0.71
CA ASN A 86 30.25 7.75 -1.14
C ASN A 86 29.41 8.87 -1.76
N GLN A 87 28.28 9.17 -1.11
CA GLN A 87 27.32 10.13 -1.62
C GLN A 87 27.44 11.49 -0.93
N SER A 88 27.12 12.54 -1.68
CA SER A 88 27.26 13.89 -1.17
C SER A 88 26.07 14.24 -0.28
N GLU A 89 26.21 15.31 0.49
CA GLU A 89 25.19 15.61 1.49
C GLU A 89 24.18 16.61 0.95
N ALA A 90 24.22 16.83 -0.36
CA ALA A 90 23.28 17.73 -1.04
C ALA A 90 22.01 17.02 -1.49
N GLY A 91 22.11 15.71 -1.71
CA GLY A 91 21.00 14.93 -2.23
C GLY A 91 20.07 14.36 -1.17
N SER A 92 18.85 14.09 -1.57
CA SER A 92 17.85 13.47 -0.71
C SER A 92 17.81 11.98 -0.95
N HIS A 93 17.76 11.24 0.16
CA HIS A 93 17.72 9.79 0.15
C HIS A 93 16.65 9.24 1.08
N ILE A 94 16.34 7.96 0.88
CA ILE A 94 15.24 7.29 1.57
C ILE A 94 15.69 5.90 2.06
N ILE A 95 15.46 5.65 3.34
CA ILE A 95 15.55 4.30 3.89
C ILE A 95 14.14 3.82 4.19
N GLN A 96 13.86 2.58 3.81
CA GLN A 96 12.60 1.95 4.13
C GLN A 96 12.86 0.64 4.84
N ARG A 97 11.92 0.27 5.70
CA ARG A 97 11.92 -1.01 6.37
C ARG A 97 10.50 -1.56 6.38
N MET A 98 10.37 -2.85 6.06
N MET A 98 10.35 -2.84 6.08
CA MET A 98 9.15 -3.62 6.29
CA MET A 98 9.13 -3.55 6.39
C MET A 98 9.54 -4.72 7.27
C MET A 98 9.48 -4.76 7.23
N TYR A 99 8.75 -4.92 8.32
CA TYR A 99 8.94 -6.08 9.19
C TYR A 99 7.64 -6.54 9.84
N GLY A 100 7.61 -7.81 10.23
CA GLY A 100 6.43 -8.34 10.83
C GLY A 100 6.32 -9.82 10.63
N CYS A 101 5.11 -10.32 10.78
CA CYS A 101 4.89 -11.76 10.82
C CYS A 101 3.58 -12.14 10.15
N ASP A 102 3.57 -13.33 9.57
CA ASP A 102 2.37 -13.96 9.04
C ASP A 102 2.02 -15.12 9.95
N VAL A 103 0.73 -15.23 10.28
CA VAL A 103 0.20 -16.38 11.01
C VAL A 103 -0.84 -17.13 10.17
N GLY A 104 -0.98 -18.44 10.43
CA GLY A 104 -2.01 -19.27 9.80
C GLY A 104 -3.35 -19.17 10.51
N PRO A 105 -4.38 -19.87 9.99
CA PRO A 105 -5.72 -19.87 10.60
C PRO A 105 -5.72 -20.21 12.09
N ASP A 106 -4.77 -21.02 12.54
CA ASP A 106 -4.65 -21.40 13.94
C ASP A 106 -3.82 -20.42 14.75
N GLY A 107 -3.33 -19.37 14.08
CA GLY A 107 -2.53 -18.36 14.73
C GLY A 107 -1.07 -18.71 14.91
N ARG A 108 -0.64 -19.85 14.40
CA ARG A 108 0.79 -20.20 14.47
C ARG A 108 1.61 -19.37 13.48
N LEU A 109 2.85 -19.04 13.88
CA LEU A 109 3.79 -18.32 12.99
C LEU A 109 3.91 -19.10 11.69
N LEU A 110 3.68 -18.40 10.58
CA LEU A 110 3.95 -18.95 9.26
C LEU A 110 5.35 -18.54 8.83
N ARG A 111 5.65 -17.25 8.96
CA ARG A 111 6.98 -16.73 8.69
C ARG A 111 7.12 -15.29 9.15
N GLY A 112 8.36 -14.88 9.40
CA GLY A 112 8.68 -13.52 9.84
C GLY A 112 9.50 -12.80 8.79
N TYR A 113 9.53 -11.47 8.89
CA TYR A 113 10.27 -10.62 7.94
C TYR A 113 10.93 -9.49 8.68
N ASP A 114 12.10 -9.09 8.20
CA ASP A 114 12.71 -7.84 8.53
C ASP A 114 13.56 -7.41 7.34
N GLN A 115 13.05 -6.47 6.56
CA GLN A 115 13.65 -6.11 5.25
C GLN A 115 13.89 -4.62 5.18
N TYR A 116 15.01 -4.23 4.57
CA TYR A 116 15.39 -2.84 4.44
C TYR A 116 15.73 -2.49 3.01
N ALA A 117 15.48 -1.24 2.68
CA ALA A 117 15.81 -0.72 1.36
C ALA A 117 16.46 0.64 1.51
N TYR A 118 17.29 0.98 0.53
CA TYR A 118 17.88 2.30 0.42
C TYR A 118 17.66 2.81 -0.99
N ASP A 119 17.04 3.97 -1.07
CA ASP A 119 16.63 4.57 -2.35
C ASP A 119 15.84 3.59 -3.24
N GLY A 120 14.93 2.85 -2.61
CA GLY A 120 14.01 1.95 -3.29
C GLY A 120 14.61 0.67 -3.84
N LYS A 121 15.86 0.39 -3.47
CA LYS A 121 16.57 -0.84 -3.84
C LYS A 121 16.79 -1.68 -2.59
N ASP A 122 16.72 -3.01 -2.72
CA ASP A 122 17.07 -3.92 -1.63
C ASP A 122 18.41 -3.53 -1.00
N TYR A 123 18.44 -3.46 0.32
CA TYR A 123 19.66 -3.21 1.08
C TYR A 123 20.06 -4.48 1.86
N ILE A 124 19.24 -4.85 2.83
CA ILE A 124 19.49 -6.02 3.69
C ILE A 124 18.16 -6.59 4.17
N ALA A 125 18.11 -7.91 4.29
CA ALA A 125 16.88 -8.62 4.63
C ALA A 125 17.19 -9.83 5.46
N LEU A 126 16.46 -9.97 6.58
CA LEU A 126 16.47 -11.20 7.37
C LEU A 126 15.95 -12.34 6.49
N ASN A 127 16.74 -13.41 6.39
CA ASN A 127 16.31 -14.59 5.62
C ASN A 127 15.17 -15.30 6.34
N GLU A 128 14.46 -16.15 5.62
CA GLU A 128 13.30 -16.83 6.21
C GLU A 128 13.68 -17.68 7.43
N ASP A 129 14.96 -18.07 7.53
CA ASP A 129 15.42 -18.82 8.70
C ASP A 129 15.44 -18.03 10.00
N LEU A 130 15.28 -16.71 9.87
CA LEU A 130 15.33 -15.77 11.00
C LEU A 130 16.65 -15.88 11.76
N SER A 131 17.70 -16.28 11.05
CA SER A 131 19.00 -16.45 11.69
C SER A 131 20.20 -15.97 10.85
N SER A 132 19.96 -15.64 9.58
CA SER A 132 20.99 -15.12 8.67
C SER A 132 20.39 -14.01 7.79
N TRP A 133 21.26 -13.28 7.10
CA TRP A 133 20.87 -12.10 6.29
C TRP A 133 21.29 -12.24 4.86
N THR A 134 20.58 -11.56 3.97
CA THR A 134 20.99 -11.38 2.60
C THR A 134 21.30 -9.89 2.41
N ALA A 135 22.56 -9.58 2.13
CA ALA A 135 22.96 -8.21 1.82
C ALA A 135 22.97 -8.03 0.30
N ALA A 136 22.45 -6.92 -0.17
CA ALA A 136 22.29 -6.75 -1.62
C ALA A 136 23.57 -6.27 -2.30
N ASP A 137 24.47 -5.67 -1.52
CA ASP A 137 25.71 -5.12 -2.07
C ASP A 137 26.77 -5.03 -1.00
N THR A 138 27.93 -4.50 -1.39
CA THR A 138 29.09 -4.42 -0.46
C THR A 138 28.88 -3.46 0.70
N ALA A 139 28.01 -2.47 0.51
CA ALA A 139 27.60 -1.56 1.58
C ALA A 139 26.76 -2.25 2.66
N ALA A 140 25.67 -2.89 2.24
CA ALA A 140 24.85 -3.75 3.09
C ALA A 140 25.68 -4.82 3.81
N GLN A 141 26.70 -5.35 3.14
CA GLN A 141 27.60 -6.32 3.80
C GLN A 141 28.30 -5.75 5.02
N ILE A 142 28.53 -4.44 5.04
CA ILE A 142 29.13 -3.78 6.22
C ILE A 142 28.16 -3.85 7.40
N THR A 143 26.90 -3.54 7.10
CA THR A 143 25.82 -3.64 8.04
C THR A 143 25.66 -5.09 8.49
N GLN A 144 25.72 -6.02 7.53
CA GLN A 144 25.61 -7.47 7.83
C GLN A 144 26.63 -7.96 8.88
N ARG A 145 27.89 -7.61 8.68
CA ARG A 145 28.96 -7.91 9.61
C ARG A 145 28.67 -7.35 11.01
N LYS A 146 28.25 -6.09 11.07
CA LYS A 146 27.82 -5.45 12.33
C LYS A 146 26.69 -6.21 13.03
N TRP A 147 25.64 -6.55 12.29
CA TRP A 147 24.48 -7.27 12.84
C TRP A 147 24.78 -8.74 13.23
N GLU A 148 25.59 -9.41 12.43
CA GLU A 148 26.10 -10.72 12.85
C GLU A 148 26.87 -10.63 14.17
N ALA A 149 27.76 -9.64 14.31
CA ALA A 149 28.53 -9.47 15.56
C ALA A 149 27.65 -9.20 16.76
N ALA A 150 26.59 -8.42 16.55
CA ALA A 150 25.66 -8.02 17.59
C ALA A 150 24.53 -9.06 17.77
N ARG A 151 24.57 -10.13 16.98
CA ARG A 151 23.56 -11.19 17.03
C ARG A 151 22.13 -10.60 16.90
N VAL A 152 21.97 -9.69 15.94
CA VAL A 152 20.70 -9.01 15.71
C VAL A 152 19.61 -9.98 15.29
N ALA A 153 19.94 -10.92 14.40
CA ALA A 153 18.98 -11.94 13.88
C ALA A 153 18.29 -12.72 15.01
N GLU A 154 19.09 -13.23 15.94
CA GLU A 154 18.60 -13.90 17.15
C GLU A 154 17.52 -13.07 17.84
N GLN A 155 17.78 -11.77 17.95
CA GLN A 155 16.89 -10.88 18.72
C GLN A 155 15.61 -10.55 17.93
N ASP A 156 15.77 -10.37 16.62
CA ASP A 156 14.64 -10.28 15.69
C ASP A 156 13.73 -11.50 15.77
N ARG A 157 14.36 -12.67 15.69
CA ARG A 157 13.66 -13.96 15.77
C ARG A 157 12.80 -14.07 17.02
N ALA A 158 13.38 -13.65 18.13
CA ALA A 158 12.71 -13.68 19.44
C ALA A 158 11.46 -12.81 19.39
N TYR A 159 11.56 -11.65 18.75
CA TYR A 159 10.42 -10.78 18.61
C TYR A 159 9.37 -11.38 17.67
N LEU A 160 9.82 -11.87 16.50
CA LEU A 160 8.92 -12.41 15.48
C LEU A 160 8.15 -13.63 15.96
N GLU A 161 8.81 -14.49 16.76
CA GLU A 161 8.20 -15.70 17.26
C GLU A 161 7.34 -15.48 18.49
N GLY A 162 7.58 -14.37 19.18
CA GLY A 162 6.91 -14.05 20.42
C GLY A 162 5.95 -12.91 20.25
N LEU A 163 6.41 -11.69 20.51
CA LEU A 163 5.51 -10.53 20.58
C LEU A 163 4.79 -10.21 19.27
N CYS A 164 5.45 -10.46 18.14
CA CYS A 164 4.78 -10.22 16.86
C CYS A 164 3.49 -11.06 16.76
N VAL A 165 3.62 -12.36 16.96
CA VAL A 165 2.47 -13.25 16.88
C VAL A 165 1.47 -13.07 18.04
N GLU A 166 1.96 -12.68 19.21
CA GLU A 166 1.13 -12.52 20.40
C GLU A 166 0.21 -11.31 20.27
N SER A 167 0.79 -10.19 19.88
CA SER A 167 0.03 -8.98 19.59
C SER A 167 -0.93 -9.15 18.40
N LEU A 168 -0.48 -9.74 17.29
CA LEU A 168 -1.37 -9.99 16.16
C LEU A 168 -2.60 -10.84 16.54
N ARG A 169 -2.38 -11.90 17.32
CA ARG A 169 -3.50 -12.73 17.81
C ARG A 169 -4.48 -11.94 18.68
N ARG A 170 -3.97 -11.06 19.54
CA ARG A 170 -4.82 -10.14 20.32
C ARG A 170 -5.58 -9.15 19.44
N TYR A 171 -4.89 -8.55 18.47
CA TYR A 171 -5.52 -7.62 17.52
C TYR A 171 -6.63 -8.31 16.72
N LEU A 172 -6.35 -9.54 16.27
CA LEU A 172 -7.32 -10.35 15.52
C LEU A 172 -8.59 -10.61 16.32
N GLU A 173 -8.42 -10.82 17.62
CA GLU A 173 -9.53 -11.01 18.54
C GLU A 173 -10.28 -9.72 18.80
N ASN A 174 -9.55 -8.66 19.09
CA ASN A 174 -10.19 -7.36 19.34
C ASN A 174 -10.87 -6.77 18.10
N GLY A 175 -10.35 -7.06 16.92
CA GLY A 175 -11.00 -6.58 15.72
C GLY A 175 -11.66 -7.68 14.93
N LYS A 176 -12.20 -8.68 15.63
CA LYS A 176 -12.74 -9.89 14.99
C LYS A 176 -13.93 -9.61 14.06
N GLU A 177 -14.69 -8.55 14.35
CA GLU A 177 -15.84 -8.18 13.50
C GLU A 177 -15.38 -7.73 12.11
N THR A 178 -14.14 -7.23 12.02
CA THR A 178 -13.65 -6.61 10.78
C THR A 178 -12.43 -7.32 10.18
N LEU A 179 -11.44 -7.60 11.02
CA LEU A 179 -10.22 -8.22 10.54
C LEU A 179 -10.46 -9.65 10.12
N GLN A 180 -11.41 -10.31 10.77
CA GLN A 180 -11.79 -11.67 10.44
C GLN A 180 -13.04 -11.78 9.59
N ARG A 181 -13.35 -10.70 8.86
CA ARG A 181 -14.43 -10.71 7.89
C ARG A 181 -13.90 -10.38 6.50
N ALA A 182 -14.14 -11.29 5.56
CA ALA A 182 -13.85 -11.06 4.15
C ALA A 182 -15.12 -10.60 3.48
N ASP A 183 -15.02 -9.52 2.72
CA ASP A 183 -16.13 -9.01 1.94
C ASP A 183 -15.89 -9.42 0.50
N PRO A 184 -16.85 -10.19 -0.07
CA PRO A 184 -16.66 -10.68 -1.44
C PRO A 184 -16.79 -9.53 -2.42
N PRO A 185 -16.18 -9.64 -3.60
CA PRO A 185 -16.44 -8.61 -4.59
C PRO A 185 -17.90 -8.65 -5.07
N LYS A 186 -18.44 -7.46 -5.28
CA LYS A 186 -19.64 -7.28 -6.10
C LYS A 186 -19.17 -7.14 -7.54
N THR A 187 -19.70 -7.98 -8.43
CA THR A 187 -19.16 -8.10 -9.78
C THR A 187 -20.20 -7.91 -10.91
N HIS A 188 -19.78 -7.23 -11.97
CA HIS A 188 -20.56 -7.12 -13.22
C HIS A 188 -19.65 -6.86 -14.41
N VAL A 189 -20.19 -7.10 -15.60
CA VAL A 189 -19.48 -6.85 -16.85
C VAL A 189 -20.17 -5.72 -17.59
N THR A 190 -19.42 -4.69 -17.94
CA THR A 190 -19.98 -3.59 -18.73
C THR A 190 -19.56 -3.76 -20.19
N HIS A 191 -20.29 -3.08 -21.08
CA HIS A 191 -20.12 -3.24 -22.52
C HIS A 191 -20.04 -1.83 -23.12
N HIS A 192 -18.92 -1.53 -23.77
CA HIS A 192 -18.70 -0.24 -24.40
C HIS A 192 -18.17 -0.46 -25.81
N PRO A 193 -19.01 -0.25 -26.83
CA PRO A 193 -18.48 -0.18 -28.19
C PRO A 193 -17.30 0.80 -28.33
N ILE A 194 -16.28 0.35 -29.06
CA ILE A 194 -15.08 1.14 -29.34
C ILE A 194 -15.10 1.57 -30.82
N SER A 195 -15.76 0.78 -31.66
CA SER A 195 -15.98 1.09 -33.06
C SER A 195 -17.03 0.11 -33.59
N ASP A 196 -17.36 0.21 -34.87
CA ASP A 196 -18.23 -0.79 -35.51
C ASP A 196 -17.68 -2.20 -35.33
N HIS A 197 -16.38 -2.29 -35.10
CA HIS A 197 -15.64 -3.54 -35.27
C HIS A 197 -15.27 -4.19 -33.93
N GLU A 198 -15.22 -3.38 -32.89
CA GLU A 198 -14.73 -3.84 -31.59
C GLU A 198 -15.49 -3.20 -30.42
N VAL A 199 -15.65 -3.99 -29.35
CA VAL A 199 -16.28 -3.54 -28.13
C VAL A 199 -15.40 -3.91 -26.95
N THR A 200 -15.37 -3.05 -25.93
CA THR A 200 -14.67 -3.39 -24.70
C THR A 200 -15.62 -4.06 -23.74
N LEU A 201 -15.19 -5.21 -23.21
CA LEU A 201 -15.87 -5.80 -22.07
C LEU A 201 -15.03 -5.52 -20.84
N ARG A 202 -15.65 -4.89 -19.84
CA ARG A 202 -14.94 -4.61 -18.60
C ARG A 202 -15.59 -5.37 -17.47
N CYS A 203 -14.78 -6.22 -16.83
CA CYS A 203 -15.20 -6.98 -15.68
C CYS A 203 -14.77 -6.27 -14.40
N TRP A 204 -15.76 -5.86 -13.62
CA TRP A 204 -15.57 -5.09 -12.39
C TRP A 204 -15.70 -5.95 -11.16
N ALA A 205 -14.86 -5.65 -10.16
CA ALA A 205 -15.00 -6.17 -8.81
C ALA A 205 -14.90 -4.99 -7.84
N LEU A 206 -15.92 -4.84 -7.02
CA LEU A 206 -16.05 -3.69 -6.14
C LEU A 206 -16.43 -4.16 -4.74
N GLY A 207 -15.98 -3.42 -3.74
CA GLY A 207 -16.43 -3.62 -2.38
C GLY A 207 -15.74 -4.76 -1.65
N PHE A 208 -14.60 -5.22 -2.14
CA PHE A 208 -13.99 -6.42 -1.57
C PHE A 208 -12.88 -6.12 -0.57
N TYR A 209 -12.78 -7.02 0.40
CA TYR A 209 -11.72 -7.00 1.40
C TYR A 209 -11.43 -8.46 1.78
N PRO A 210 -10.15 -8.85 1.90
CA PRO A 210 -8.94 -8.05 1.72
C PRO A 210 -8.67 -7.72 0.24
N ALA A 211 -7.57 -7.01 -0.01
CA ALA A 211 -7.24 -6.56 -1.36
C ALA A 211 -6.91 -7.66 -2.38
N GLU A 212 -6.41 -8.80 -1.90
CA GLU A 212 -6.05 -9.93 -2.77
C GLU A 212 -7.25 -10.42 -3.60
N ILE A 213 -7.05 -10.49 -4.91
CA ILE A 213 -8.09 -10.90 -5.84
C ILE A 213 -7.46 -11.28 -7.17
N THR A 214 -8.15 -12.14 -7.92
CA THR A 214 -7.71 -12.47 -9.27
C THR A 214 -8.90 -12.29 -10.20
N LEU A 215 -8.71 -11.47 -11.22
CA LEU A 215 -9.70 -11.23 -12.26
C LEU A 215 -9.04 -11.58 -13.57
N THR A 216 -9.66 -12.48 -14.32
CA THR A 216 -9.10 -12.87 -15.61
C THR A 216 -10.24 -13.05 -16.58
N TRP A 217 -9.91 -12.81 -17.86
CA TRP A 217 -10.78 -13.11 -18.98
C TRP A 217 -10.27 -14.34 -19.73
N GLN A 218 -11.22 -15.18 -20.13
CA GLN A 218 -10.93 -16.26 -21.07
C GLN A 218 -11.75 -16.07 -22.34
N ARG A 219 -11.16 -16.48 -23.46
CA ARG A 219 -11.85 -16.58 -24.74
C ARG A 219 -11.85 -18.06 -25.12
N ASP A 220 -13.06 -18.61 -25.29
CA ASP A 220 -13.27 -20.04 -25.54
C ASP A 220 -12.51 -20.93 -24.54
N GLY A 221 -12.44 -20.45 -23.29
CA GLY A 221 -11.81 -21.22 -22.21
C GLY A 221 -10.31 -21.02 -22.05
N GLU A 222 -9.73 -20.14 -22.87
CA GLU A 222 -8.29 -19.88 -22.79
C GLU A 222 -8.02 -18.48 -22.24
N ASP A 223 -7.03 -18.39 -21.35
CA ASP A 223 -6.66 -17.13 -20.69
C ASP A 223 -6.12 -16.12 -21.69
N GLN A 224 -6.66 -14.90 -21.61
CA GLN A 224 -6.29 -13.79 -22.48
C GLN A 224 -5.32 -12.83 -21.79
N THR A 225 -4.35 -13.39 -21.10
CA THR A 225 -3.36 -12.63 -20.32
C THR A 225 -2.78 -11.46 -21.12
N GLN A 226 -2.34 -11.74 -22.33
CA GLN A 226 -1.66 -10.74 -23.13
C GLN A 226 -2.60 -9.65 -23.63
N ASP A 227 -3.87 -10.00 -23.80
CA ASP A 227 -4.82 -9.06 -24.36
C ASP A 227 -5.79 -8.46 -23.35
N THR A 228 -5.52 -8.69 -22.07
CA THR A 228 -6.33 -8.14 -20.98
C THR A 228 -5.65 -6.93 -20.36
N GLU A 229 -6.37 -5.80 -20.35
CA GLU A 229 -5.97 -4.63 -19.56
C GLU A 229 -6.50 -4.77 -18.14
N LEU A 230 -5.57 -4.82 -17.20
CA LEU A 230 -5.89 -5.08 -15.81
C LEU A 230 -5.32 -3.95 -14.98
N VAL A 231 -6.18 -3.17 -14.33
CA VAL A 231 -5.72 -2.05 -13.53
C VAL A 231 -5.29 -2.56 -12.16
N GLU A 232 -4.41 -1.81 -11.51
N GLU A 232 -4.40 -1.82 -11.51
CA GLU A 232 -3.99 -2.12 -10.15
CA GLU A 232 -3.97 -2.12 -10.14
C GLU A 232 -5.16 -2.05 -9.18
C GLU A 232 -5.15 -2.05 -9.18
N THR A 233 -5.22 -3.01 -8.26
CA THR A 233 -6.22 -3.01 -7.21
C THR A 233 -6.05 -1.70 -6.45
N ARG A 234 -7.18 -1.00 -6.27
CA ARG A 234 -7.17 0.37 -5.72
C ARG A 234 -8.13 0.47 -4.53
N PRO A 235 -7.77 1.30 -3.53
CA PRO A 235 -8.63 1.49 -2.37
C PRO A 235 -9.87 2.39 -2.63
N ALA A 236 -11.03 1.97 -2.13
CA ALA A 236 -12.27 2.76 -2.26
C ALA A 236 -12.38 3.90 -1.23
N GLY A 237 -11.72 3.75 -0.10
CA GLY A 237 -11.82 4.72 0.99
C GLY A 237 -12.74 4.30 2.13
N ASP A 238 -13.39 3.14 1.98
CA ASP A 238 -14.30 2.61 3.00
C ASP A 238 -13.80 1.27 3.56
N ARG A 239 -12.48 1.04 3.41
CA ARG A 239 -11.73 -0.17 3.81
C ARG A 239 -11.60 -1.15 2.65
N THR A 240 -12.51 -1.02 1.70
CA THR A 240 -12.61 -1.99 0.62
C THR A 240 -11.82 -1.56 -0.60
N PHE A 241 -11.72 -2.51 -1.54
CA PHE A 241 -10.92 -2.32 -2.74
C PHE A 241 -11.73 -2.54 -4.00
N GLN A 242 -11.16 -2.08 -5.11
CA GLN A 242 -11.75 -2.16 -6.43
C GLN A 242 -10.71 -2.65 -7.45
N LYS A 243 -11.18 -3.41 -8.44
CA LYS A 243 -10.33 -3.81 -9.56
C LYS A 243 -11.20 -4.03 -10.78
N TRP A 244 -10.68 -3.75 -11.95
CA TRP A 244 -11.30 -4.23 -13.19
C TRP A 244 -10.34 -4.84 -14.21
N ALA A 245 -10.91 -5.66 -15.08
CA ALA A 245 -10.17 -6.27 -16.19
C ALA A 245 -10.94 -5.97 -17.47
N ALA A 246 -10.23 -5.49 -18.49
CA ALA A 246 -10.88 -5.16 -19.76
C ALA A 246 -10.29 -5.94 -20.92
N VAL A 247 -11.16 -6.40 -21.80
CA VAL A 247 -10.73 -7.04 -23.03
C VAL A 247 -11.44 -6.39 -24.20
N VAL A 248 -10.72 -6.24 -25.32
CA VAL A 248 -11.29 -5.73 -26.56
C VAL A 248 -11.69 -6.94 -27.40
N VAL A 249 -12.96 -7.01 -27.77
CA VAL A 249 -13.48 -8.19 -28.43
C VAL A 249 -14.11 -7.84 -29.78
N PRO A 250 -13.97 -8.73 -30.76
CA PRO A 250 -14.63 -8.56 -32.05
C PRO A 250 -16.13 -8.41 -31.86
N SER A 251 -16.71 -7.51 -32.63
CA SER A 251 -18.15 -7.30 -32.67
C SER A 251 -18.89 -8.63 -32.82
N GLY A 252 -19.90 -8.86 -31.98
CA GLY A 252 -20.70 -10.07 -32.07
C GLY A 252 -20.12 -11.32 -31.40
N GLU A 253 -18.85 -11.24 -30.96
CA GLU A 253 -18.18 -12.39 -30.33
C GLU A 253 -18.17 -12.36 -28.79
N GLU A 254 -18.98 -11.47 -28.21
CA GLU A 254 -19.04 -11.23 -26.76
C GLU A 254 -19.24 -12.51 -25.92
N GLN A 255 -20.00 -13.46 -26.45
CA GLN A 255 -20.35 -14.68 -25.70
C GLN A 255 -19.27 -15.76 -25.69
N ARG A 256 -18.18 -15.54 -26.43
CA ARG A 256 -17.00 -16.40 -26.33
C ARG A 256 -16.16 -16.04 -25.10
N TYR A 257 -16.52 -14.95 -24.45
CA TYR A 257 -15.72 -14.40 -23.36
C TYR A 257 -16.39 -14.57 -22.00
N THR A 258 -15.58 -14.99 -21.03
CA THR A 258 -16.00 -15.19 -19.65
C THR A 258 -14.99 -14.56 -18.71
N CYS A 259 -15.50 -13.87 -17.70
CA CYS A 259 -14.66 -13.27 -16.66
C CYS A 259 -14.58 -14.21 -15.46
N HIS A 260 -13.40 -14.33 -14.87
CA HIS A 260 -13.23 -15.24 -13.75
C HIS A 260 -12.67 -14.51 -12.55
N VAL A 261 -13.32 -14.72 -11.41
CA VAL A 261 -13.04 -13.97 -10.19
C VAL A 261 -12.69 -14.90 -9.07
N GLN A 262 -11.52 -14.69 -8.48
CA GLN A 262 -11.11 -15.45 -7.32
C GLN A 262 -10.92 -14.46 -6.18
N HIS A 263 -11.53 -14.74 -5.03
CA HIS A 263 -11.37 -13.90 -3.83
C HIS A 263 -11.76 -14.71 -2.61
N GLU A 264 -11.08 -14.47 -1.50
CA GLU A 264 -11.26 -15.29 -0.33
C GLU A 264 -12.65 -15.17 0.34
N GLY A 265 -13.41 -14.15 -0.05
CA GLY A 265 -14.79 -13.97 0.43
C GLY A 265 -15.81 -14.73 -0.39
N LEU A 266 -15.37 -15.30 -1.51
CA LEU A 266 -16.21 -16.17 -2.32
C LEU A 266 -15.92 -17.62 -1.98
N PRO A 267 -16.97 -18.39 -1.64
CA PRO A 267 -16.78 -19.82 -1.31
C PRO A 267 -16.27 -20.61 -2.51
N LYS A 268 -16.57 -20.11 -3.71
CA LYS A 268 -16.07 -20.70 -4.95
C LYS A 268 -15.91 -19.62 -6.01
N PRO A 269 -14.94 -19.78 -6.93
CA PRO A 269 -14.71 -18.81 -8.01
C PRO A 269 -15.95 -18.56 -8.86
N LEU A 270 -16.14 -17.30 -9.27
CA LEU A 270 -17.25 -16.89 -10.11
C LEU A 270 -16.84 -16.85 -11.56
N THR A 271 -17.78 -17.18 -12.43
CA THR A 271 -17.63 -16.98 -13.84
C THR A 271 -18.71 -15.99 -14.25
N LEU A 272 -18.29 -14.93 -14.93
CA LEU A 272 -19.17 -13.85 -15.37
C LEU A 272 -19.18 -13.72 -16.88
N ARG A 273 -20.30 -13.26 -17.41
CA ARG A 273 -20.46 -12.99 -18.83
C ARG A 273 -21.10 -11.63 -19.00
N TRP A 274 -20.97 -11.06 -20.20
CA TRP A 274 -21.73 -9.88 -20.55
C TRP A 274 -23.21 -10.28 -20.61
N GLU A 275 -24.05 -9.55 -19.91
CA GLU A 275 -25.48 -9.86 -19.81
C GLU A 275 -26.31 -8.78 -20.51
N PRO A 276 -26.43 -8.87 -21.85
CA PRO A 276 -27.15 -7.81 -22.56
C PRO A 276 -28.63 -7.80 -22.18
N ILE B 1 18.11 5.85 -10.07
CA ILE B 1 16.84 5.24 -10.61
C ILE B 1 15.60 5.64 -9.81
N GLN B 2 14.53 5.91 -10.55
CA GLN B 2 13.29 6.46 -10.02
C GLN B 2 12.10 5.81 -10.75
N ARG B 3 10.93 5.86 -10.14
CA ARG B 3 9.76 5.17 -10.67
C ARG B 3 8.57 6.11 -10.78
N THR B 4 7.97 6.14 -11.97
CA THR B 4 6.91 7.09 -12.26
C THR B 4 5.56 6.61 -11.69
N PRO B 5 4.80 7.55 -11.11
CA PRO B 5 3.51 7.15 -10.57
C PRO B 5 2.54 6.57 -11.59
N LYS B 6 1.89 5.48 -11.21
CA LYS B 6 0.66 5.07 -11.87
C LYS B 6 -0.47 5.91 -11.26
N ILE B 7 -1.44 6.26 -12.10
CA ILE B 7 -2.52 7.18 -11.70
C ILE B 7 -3.89 6.62 -12.05
N GLN B 8 -4.76 6.56 -11.05
CA GLN B 8 -6.17 6.25 -11.29
C GLN B 8 -7.06 7.26 -10.59
N VAL B 9 -8.07 7.73 -11.34
CA VAL B 9 -9.10 8.64 -10.86
C VAL B 9 -10.46 7.92 -10.96
N TYR B 10 -11.18 7.90 -9.85
CA TYR B 10 -12.39 7.08 -9.73
C TYR B 10 -13.21 7.49 -8.50
N SER B 11 -14.40 6.91 -8.40
CA SER B 11 -15.31 7.22 -7.31
C SER B 11 -15.39 6.04 -6.35
N ARG B 12 -15.68 6.34 -5.09
CA ARG B 12 -15.79 5.31 -4.07
C ARG B 12 -16.96 4.39 -4.32
N HIS B 13 -18.09 4.98 -4.72
CA HIS B 13 -19.28 4.23 -5.06
C HIS B 13 -19.53 4.41 -6.56
N PRO B 14 -20.40 3.57 -7.17
CA PRO B 14 -20.67 3.83 -8.58
C PRO B 14 -21.33 5.18 -8.72
N ALA B 15 -20.94 5.93 -9.76
CA ALA B 15 -21.40 7.30 -9.94
C ALA B 15 -22.84 7.40 -10.37
N GLU B 16 -23.55 8.30 -9.69
CA GLU B 16 -24.94 8.59 -9.99
C GLU B 16 -25.10 10.10 -9.82
N ASN B 17 -25.59 10.76 -10.87
CA ASN B 17 -25.76 12.21 -10.86
C ASN B 17 -26.66 12.71 -9.74
N GLY B 18 -26.19 13.71 -9.02
CA GLY B 18 -26.95 14.30 -7.92
C GLY B 18 -26.86 13.55 -6.61
N LYS B 19 -26.10 12.45 -6.61
CA LYS B 19 -25.88 11.68 -5.41
C LYS B 19 -24.47 11.92 -4.90
N SER B 20 -24.35 12.21 -3.60
CA SER B 20 -23.06 12.50 -3.00
C SER B 20 -22.20 11.24 -2.99
N ASN B 21 -20.91 11.43 -3.25
CA ASN B 21 -19.97 10.36 -3.51
C ASN B 21 -18.58 10.85 -3.07
N PHE B 22 -17.56 10.00 -3.22
CA PHE B 22 -16.18 10.44 -3.03
C PHE B 22 -15.37 10.31 -4.31
N LEU B 23 -14.58 11.35 -4.59
CA LEU B 23 -13.68 11.34 -5.72
C LEU B 23 -12.29 10.98 -5.21
N ASN B 24 -11.72 9.94 -5.81
CA ASN B 24 -10.42 9.43 -5.39
C ASN B 24 -9.38 9.61 -6.47
N CYS B 25 -8.16 9.94 -6.05
CA CYS B 25 -7.01 9.76 -6.91
C CYS B 25 -6.00 8.89 -6.21
N TYR B 26 -5.74 7.75 -6.84
CA TYR B 26 -4.80 6.78 -6.30
C TYR B 26 -3.51 6.86 -7.12
N VAL B 27 -2.44 7.22 -6.44
CA VAL B 27 -1.12 7.23 -7.07
C VAL B 27 -0.30 6.12 -6.44
N SER B 28 0.32 5.33 -7.30
CA SER B 28 1.08 4.18 -6.81
C SER B 28 2.27 3.88 -7.71
N GLY B 29 3.10 2.94 -7.25
CA GLY B 29 4.21 2.44 -8.06
C GLY B 29 5.36 3.40 -8.19
N PHE B 30 5.37 4.46 -7.38
CA PHE B 30 6.34 5.54 -7.53
C PHE B 30 7.45 5.57 -6.48
N HIS B 31 8.59 6.10 -6.92
CA HIS B 31 9.75 6.29 -6.07
C HIS B 31 10.63 7.38 -6.73
N PRO B 32 11.03 8.41 -5.97
CA PRO B 32 10.91 8.62 -4.51
C PRO B 32 9.52 9.11 -4.07
N SER B 33 9.40 9.44 -2.78
CA SER B 33 8.08 9.59 -2.15
C SER B 33 7.39 10.95 -2.39
N ASP B 34 8.18 12.00 -2.66
CA ASP B 34 7.62 13.32 -2.96
C ASP B 34 6.68 13.21 -4.13
N ILE B 35 5.46 13.72 -3.98
CA ILE B 35 4.53 13.74 -5.09
C ILE B 35 3.52 14.84 -4.80
N GLU B 36 3.06 15.50 -5.85
CA GLU B 36 2.06 16.56 -5.73
C GLU B 36 0.82 16.10 -6.46
N VAL B 37 -0.30 16.09 -5.74
CA VAL B 37 -1.57 15.63 -6.30
C VAL B 37 -2.64 16.69 -6.03
N ASP B 38 -3.32 17.11 -7.09
CA ASP B 38 -4.49 17.97 -6.99
C ASP B 38 -5.69 17.22 -7.54
N LEU B 39 -6.87 17.44 -6.95
CA LEU B 39 -8.12 17.08 -7.60
C LEU B 39 -8.74 18.32 -8.21
N LEU B 40 -9.22 18.16 -9.44
CA LEU B 40 -9.77 19.29 -10.20
C LEU B 40 -11.26 19.14 -10.47
N LYS B 41 -11.97 20.26 -10.34
CA LYS B 41 -13.38 20.33 -10.71
C LYS B 41 -13.44 21.40 -11.78
N ASN B 42 -13.83 21.02 -12.98
CA ASN B 42 -13.87 21.98 -14.09
C ASN B 42 -12.56 22.75 -14.23
N GLY B 43 -11.45 22.05 -13.99
CA GLY B 43 -10.11 22.58 -14.25
C GLY B 43 -9.48 23.34 -13.10
N GLU B 44 -10.25 23.56 -12.05
CA GLU B 44 -9.77 24.36 -10.93
C GLU B 44 -9.53 23.47 -9.71
N ARG B 45 -8.52 23.79 -8.91
CA ARG B 45 -8.15 22.97 -7.76
C ARG B 45 -9.25 22.90 -6.70
N ILE B 46 -9.53 21.69 -6.22
CA ILE B 46 -10.45 21.51 -5.09
C ILE B 46 -9.69 21.69 -3.78
N GLU B 47 -10.28 22.46 -2.87
CA GLU B 47 -9.65 22.80 -1.62
C GLU B 47 -9.88 21.72 -0.57
N LYS B 48 -8.94 21.61 0.37
CA LYS B 48 -9.09 20.75 1.54
C LYS B 48 -9.18 19.25 1.23
N VAL B 49 -8.59 18.85 0.09
CA VAL B 49 -8.49 17.43 -0.29
C VAL B 49 -7.64 16.68 0.76
N GLU B 50 -8.10 15.52 1.20
CA GLU B 50 -7.32 14.72 2.16
C GLU B 50 -6.50 13.63 1.46
N HIS B 51 -5.48 13.15 2.14
CA HIS B 51 -4.78 11.95 1.67
C HIS B 51 -4.48 10.98 2.79
N SER B 52 -4.36 9.71 2.40
CA SER B 52 -3.94 8.64 3.28
C SER B 52 -2.47 8.82 3.67
N ASP B 53 -2.06 8.11 4.72
CA ASP B 53 -0.69 8.12 5.20
C ASP B 53 0.25 7.36 4.24
N LEU B 54 1.43 7.93 4.01
CA LEU B 54 2.42 7.32 3.12
C LEU B 54 2.72 5.87 3.53
N SER B 55 2.44 4.93 2.62
CA SER B 55 2.78 3.53 2.78
C SER B 55 3.47 3.09 1.50
N PHE B 56 3.87 1.82 1.44
CA PHE B 56 4.53 1.27 0.25
C PHE B 56 4.31 -0.22 0.09
N SER B 57 4.49 -0.68 -1.15
CA SER B 57 4.26 -2.07 -1.53
C SER B 57 5.50 -2.92 -1.28
N LYS B 58 5.39 -4.21 -1.58
CA LYS B 58 6.48 -5.16 -1.34
C LYS B 58 7.69 -4.86 -2.20
N ASP B 59 7.48 -4.24 -3.36
CA ASP B 59 8.59 -3.80 -4.22
C ASP B 59 9.17 -2.43 -3.83
N TRP B 60 8.76 -1.92 -2.68
CA TRP B 60 9.29 -0.66 -2.10
C TRP B 60 8.68 0.62 -2.65
N SER B 61 7.86 0.49 -3.68
CA SER B 61 7.25 1.67 -4.28
C SER B 61 6.08 2.19 -3.43
N PHE B 62 5.90 3.52 -3.42
CA PHE B 62 4.94 4.17 -2.53
C PHE B 62 3.59 4.25 -3.16
N TYR B 63 2.58 4.40 -2.32
CA TYR B 63 1.24 4.65 -2.82
C TYR B 63 0.53 5.58 -1.84
N LEU B 64 -0.35 6.41 -2.39
CA LEU B 64 -1.15 7.36 -1.62
C LEU B 64 -2.53 7.47 -2.26
N LEU B 65 -3.53 7.65 -1.43
CA LEU B 65 -4.87 7.97 -1.89
C LEU B 65 -5.24 9.41 -1.51
N TYR B 66 -5.61 10.18 -2.52
CA TYR B 66 -6.14 11.52 -2.32
C TYR B 66 -7.63 11.47 -2.57
N TYR B 67 -8.40 12.14 -1.71
CA TYR B 67 -9.85 12.02 -1.77
C TYR B 67 -10.60 13.25 -1.26
N THR B 68 -11.76 13.48 -1.84
CA THR B 68 -12.63 14.57 -1.45
C THR B 68 -14.09 14.21 -1.74
N GLU B 69 -15.00 14.74 -0.93
CA GLU B 69 -16.44 14.59 -1.15
C GLU B 69 -16.83 15.30 -2.46
N PHE B 70 -17.68 14.67 -3.26
CA PHE B 70 -18.16 15.30 -4.48
C PHE B 70 -19.54 14.78 -4.85
N THR B 71 -20.30 15.63 -5.55
CA THR B 71 -21.58 15.24 -6.11
C THR B 71 -21.45 15.29 -7.63
N PRO B 72 -21.30 14.13 -8.29
CA PRO B 72 -21.14 14.15 -9.74
C PRO B 72 -22.42 14.58 -10.43
N THR B 73 -22.28 15.46 -11.41
CA THR B 73 -23.41 15.93 -12.20
C THR B 73 -23.12 15.69 -13.67
N GLU B 74 -24.07 16.07 -14.52
CA GLU B 74 -23.94 15.77 -15.94
C GLU B 74 -22.80 16.57 -16.58
N LYS B 75 -22.81 17.87 -16.32
CA LYS B 75 -21.92 18.84 -16.98
C LYS B 75 -20.50 18.89 -16.38
N ASP B 76 -20.39 18.80 -15.05
CA ASP B 76 -19.14 18.97 -14.32
C ASP B 76 -18.04 17.98 -14.68
N GLU B 77 -16.87 18.51 -15.04
CA GLU B 77 -15.70 17.67 -15.32
C GLU B 77 -14.78 17.59 -14.13
N TYR B 78 -14.22 16.41 -13.90
CA TYR B 78 -13.37 16.15 -12.77
C TYR B 78 -12.08 15.47 -13.23
N ALA B 79 -10.99 15.73 -12.52
CA ALA B 79 -9.67 15.23 -12.91
C ALA B 79 -8.71 15.17 -11.73
N CYS B 80 -7.58 14.50 -11.96
CA CYS B 80 -6.46 14.45 -11.03
C CYS B 80 -5.27 15.03 -11.79
N ARG B 81 -4.56 15.96 -11.14
CA ARG B 81 -3.30 16.48 -11.69
C ARG B 81 -2.12 16.01 -10.81
N VAL B 82 -1.15 15.35 -11.43
CA VAL B 82 -0.04 14.74 -10.69
C VAL B 82 1.32 15.26 -11.15
N ASN B 83 2.15 15.63 -10.18
CA ASN B 83 3.55 15.91 -10.45
C ASN B 83 4.47 15.04 -9.61
N HIS B 84 5.55 14.59 -10.24
CA HIS B 84 6.55 13.76 -9.62
C HIS B 84 7.86 14.07 -10.32
N VAL B 85 8.98 13.84 -9.63
CA VAL B 85 10.30 14.10 -10.21
C VAL B 85 10.42 13.44 -11.61
N THR B 86 9.90 12.22 -11.74
CA THR B 86 9.91 11.50 -13.02
C THR B 86 9.12 12.16 -14.17
N LEU B 87 8.40 13.24 -13.86
CA LEU B 87 7.55 13.90 -14.85
C LEU B 87 8.11 15.26 -15.25
N SER B 88 8.20 15.51 -16.56
CA SER B 88 8.64 16.80 -17.06
C SER B 88 7.62 17.90 -16.80
N GLN B 89 6.34 17.56 -16.98
CA GLN B 89 5.21 18.45 -16.68
C GLN B 89 4.13 17.70 -15.87
N PRO B 90 3.21 18.44 -15.21
CA PRO B 90 2.17 17.72 -14.49
C PRO B 90 1.25 16.92 -15.41
N LYS B 91 0.87 15.73 -14.96
CA LYS B 91 0.06 14.83 -15.74
C LYS B 91 -1.39 14.94 -15.28
N ILE B 92 -2.31 15.19 -16.20
CA ILE B 92 -3.72 15.29 -15.85
C ILE B 92 -4.45 14.05 -16.33
N VAL B 93 -5.17 13.39 -15.41
CA VAL B 93 -6.00 12.25 -15.77
C VAL B 93 -7.45 12.59 -15.46
N LYS B 94 -8.27 12.57 -16.50
CA LYS B 94 -9.70 12.95 -16.40
C LYS B 94 -10.51 11.84 -15.75
N TRP B 95 -11.51 12.21 -14.96
CA TRP B 95 -12.36 11.18 -14.36
C TRP B 95 -13.38 10.67 -15.39
N ASP B 96 -13.42 9.36 -15.55
CA ASP B 96 -14.33 8.67 -16.43
C ASP B 96 -15.06 7.65 -15.57
N ARG B 97 -16.37 7.79 -15.44
CA ARG B 97 -17.13 6.89 -14.54
C ARG B 97 -17.11 5.42 -14.94
N ASP B 98 -16.64 5.16 -16.15
CA ASP B 98 -16.51 3.78 -16.65
C ASP B 98 -15.09 3.22 -16.47
N MET B 99 -14.29 3.87 -15.61
CA MET B 99 -12.90 3.47 -15.37
C MET B 99 -12.53 3.59 -13.90
N GLU C 1 2.07 -4.85 17.93
CA GLU C 1 3.13 -4.22 18.77
C GLU C 1 4.50 -4.24 18.11
N GLU C 2 5.16 -3.08 18.13
N GLU C 2 5.16 -3.09 18.13
CA GLU C 2 6.48 -2.93 17.55
CA GLU C 2 6.48 -2.93 17.56
C GLU C 2 7.57 -3.57 18.39
C GLU C 2 7.57 -3.58 18.39
N TYR C 3 8.69 -3.86 17.72
CA TYR C 3 9.92 -4.31 18.37
C TYR C 3 10.74 -3.09 18.85
N LEU C 4 10.94 -3.02 20.17
CA LEU C 4 11.75 -2.02 20.87
C LEU C 4 13.09 -1.75 20.25
N LYS C 5 13.75 -2.83 19.84
CA LYS C 5 15.17 -2.85 19.60
C LYS C 5 15.59 -2.30 18.26
N ALA C 6 16.68 -1.54 18.28
CA ALA C 6 17.16 -0.85 17.10
C ALA C 6 18.69 -0.75 17.04
N TRP C 7 19.27 -1.49 16.10
CA TRP C 7 20.69 -1.37 15.82
C TRP C 7 20.81 -0.63 14.49
N THR C 8 21.90 0.09 14.35
CA THR C 8 22.08 0.97 13.21
C THR C 8 22.84 0.32 12.07
N PHE C 9 22.82 0.98 10.90
CA PHE C 9 23.49 0.49 9.70
C PHE C 9 25.01 0.44 9.88
#